data_6C6M
#
_entry.id   6C6M
#
_cell.length_a   74.693
_cell.length_b   74.693
_cell.length_c   131.481
_cell.angle_alpha   90.00
_cell.angle_beta   90.00
_cell.angle_gamma   120.00
#
_symmetry.space_group_name_H-M   'P 65'
#
loop_
_entity.id
_entity.type
_entity.pdbx_description
1 polymer 'Myosin light chain kinase, smooth muscle'
2 water water
#
_entity_poly.entity_id   1
_entity_poly.type   'polypeptide(L)'
_entity_poly.pdbx_seq_one_letter_code
;MEGQRDSAFPKFESKPQSQEVKENQTVKFRCEVSGIPKPEVAWFLEGTPVRRQEGSIEVYEDAGSHYLCLLKARTRDSGT
YSCTASNAQGQLSCSWTLQVERL
;
_entity_poly.pdbx_strand_id   A,B,C
#
# COMPACT_ATOMS: atom_id res chain seq x y z
N PHE A 9 -13.88 14.45 4.92
CA PHE A 9 -14.29 13.18 5.55
C PHE A 9 -14.10 11.95 4.62
N PRO A 10 -13.79 10.71 5.12
CA PRO A 10 -13.60 9.57 4.19
C PRO A 10 -14.89 9.00 3.60
N LYS A 11 -14.98 8.99 2.25
CA LYS A 11 -16.10 8.44 1.48
C LYS A 11 -15.53 7.42 0.49
N PHE A 12 -16.33 6.44 0.07
CA PHE A 12 -15.94 5.45 -0.95
C PHE A 12 -16.62 5.90 -2.24
N GLU A 13 -15.81 6.20 -3.27
CA GLU A 13 -16.26 6.61 -4.60
C GLU A 13 -16.50 5.34 -5.48
N SER A 14 -15.70 4.25 -5.27
CA SER A 14 -15.83 2.96 -5.97
C SER A 14 -15.31 1.83 -5.03
N LYS A 15 -16.22 0.92 -4.61
CA LYS A 15 -15.92 -0.20 -3.72
C LYS A 15 -15.50 -1.45 -4.50
N PRO A 16 -14.60 -2.33 -3.98
CA PRO A 16 -14.26 -3.56 -4.71
C PRO A 16 -15.43 -4.54 -4.63
N GLN A 17 -15.68 -5.24 -5.74
CA GLN A 17 -16.78 -6.20 -5.88
C GLN A 17 -16.25 -7.60 -5.65
N SER A 18 -17.16 -8.54 -5.29
CA SER A 18 -16.81 -9.95 -5.06
C SER A 18 -16.43 -10.62 -6.38
N GLN A 19 -15.59 -11.66 -6.31
CA GLN A 19 -15.13 -12.40 -7.51
C GLN A 19 -14.84 -13.86 -7.16
N GLU A 20 -15.27 -14.80 -8.02
CA GLU A 20 -15.01 -16.24 -7.86
C GLU A 20 -14.05 -16.55 -9.00
N VAL A 21 -12.90 -17.18 -8.72
CA VAL A 21 -11.87 -17.43 -9.74
C VAL A 21 -11.11 -18.75 -9.55
N LYS A 22 -10.41 -19.19 -10.62
CA LYS A 22 -9.61 -20.42 -10.60
C LYS A 22 -8.29 -20.21 -9.87
N GLU A 23 -7.69 -21.31 -9.41
CA GLU A 23 -6.43 -21.33 -8.66
C GLU A 23 -5.27 -20.77 -9.51
N ASN A 24 -4.27 -20.19 -8.83
CA ASN A 24 -3.07 -19.59 -9.41
C ASN A 24 -3.29 -18.37 -10.35
N GLN A 25 -4.55 -17.85 -10.50
CA GLN A 25 -4.83 -16.69 -11.36
C GLN A 25 -4.59 -15.42 -10.59
N THR A 26 -4.50 -14.32 -11.35
CA THR A 26 -4.30 -13.00 -10.79
C THR A 26 -5.67 -12.44 -10.42
N VAL A 27 -5.74 -11.85 -9.22
CA VAL A 27 -6.95 -11.21 -8.66
C VAL A 27 -6.55 -9.77 -8.43
N LYS A 28 -7.51 -8.85 -8.61
CA LYS A 28 -7.28 -7.43 -8.38
C LYS A 28 -8.51 -6.86 -7.70
N PHE A 29 -8.31 -6.11 -6.61
CA PHE A 29 -9.38 -5.44 -5.86
C PHE A 29 -9.04 -3.95 -5.88
N ARG A 30 -9.99 -3.07 -6.32
CA ARG A 30 -9.78 -1.63 -6.45
C ARG A 30 -10.68 -0.74 -5.56
N CYS A 31 -10.10 -0.20 -4.46
CA CYS A 31 -10.79 0.73 -3.54
C CYS A 31 -10.52 2.10 -4.17
N GLU A 32 -11.45 3.03 -4.04
CA GLU A 32 -11.31 4.39 -4.54
C GLU A 32 -11.96 5.27 -3.48
N VAL A 33 -11.13 6.07 -2.79
CA VAL A 33 -11.52 6.89 -1.66
C VAL A 33 -11.33 8.37 -1.90
N SER A 34 -12.27 9.16 -1.37
CA SER A 34 -12.22 10.63 -1.43
C SER A 34 -12.23 11.07 0.01
N GLY A 35 -11.68 12.25 0.27
CA GLY A 35 -11.62 12.81 1.61
C GLY A 35 -10.47 13.75 1.84
N ILE A 36 -10.67 14.65 2.81
CA ILE A 36 -9.72 15.67 3.24
C ILE A 36 -9.45 15.38 4.75
N PRO A 37 -8.19 15.15 5.19
CA PRO A 37 -6.92 15.25 4.45
C PRO A 37 -6.62 14.13 3.41
N LYS A 38 -6.26 12.89 3.78
CA LYS A 38 -5.92 11.82 2.80
C LYS A 38 -6.29 10.48 3.41
N PRO A 39 -7.46 9.88 3.07
CA PRO A 39 -7.82 8.61 3.70
C PRO A 39 -6.78 7.50 3.52
N GLU A 40 -6.15 7.09 4.65
CA GLU A 40 -5.16 6.02 4.72
C GLU A 40 -5.98 4.73 4.51
N VAL A 41 -5.77 4.02 3.41
CA VAL A 41 -6.50 2.79 3.06
C VAL A 41 -5.77 1.55 3.61
N ALA A 42 -6.48 0.73 4.41
CA ALA A 42 -5.99 -0.52 5.02
C ALA A 42 -6.87 -1.62 4.47
N TRP A 43 -6.32 -2.81 4.18
CA TRP A 43 -7.06 -3.96 3.64
C TRP A 43 -6.97 -5.11 4.61
N PHE A 44 -8.05 -5.92 4.72
CA PHE A 44 -8.13 -7.06 5.64
C PHE A 44 -8.79 -8.29 5.02
N LEU A 45 -8.54 -9.48 5.61
CA LEU A 45 -9.14 -10.79 5.23
C LEU A 45 -9.69 -11.37 6.53
N GLU A 46 -11.02 -11.34 6.75
CA GLU A 46 -11.67 -11.84 7.98
C GLU A 46 -11.08 -11.17 9.26
N GLY A 47 -10.89 -9.85 9.20
CA GLY A 47 -10.34 -9.05 10.29
C GLY A 47 -8.82 -9.05 10.46
N THR A 48 -8.06 -9.80 9.62
CA THR A 48 -6.58 -9.91 9.66
C THR A 48 -6.02 -8.98 8.58
N PRO A 49 -5.03 -8.11 8.84
CA PRO A 49 -4.51 -7.27 7.75
C PRO A 49 -3.86 -8.07 6.65
N VAL A 50 -4.05 -7.60 5.41
CA VAL A 50 -3.49 -8.21 4.23
C VAL A 50 -2.28 -7.31 3.93
N ARG A 51 -1.06 -7.80 4.25
CA ARG A 51 0.22 -7.11 4.08
C ARG A 51 0.92 -7.63 2.80
N ARG A 52 1.70 -6.76 2.10
CA ARG A 52 2.41 -7.14 0.88
C ARG A 52 3.55 -8.12 1.11
N GLN A 53 3.94 -8.82 0.05
CA GLN A 53 5.04 -9.77 0.02
C GLN A 53 5.90 -9.43 -1.20
N GLU A 54 7.11 -10.00 -1.28
CA GLU A 54 8.12 -9.78 -2.36
C GLU A 54 7.50 -9.89 -3.75
N GLY A 55 6.71 -10.93 -3.97
CA GLY A 55 6.03 -11.16 -5.24
C GLY A 55 4.85 -12.11 -5.14
N SER A 56 3.96 -11.86 -4.16
CA SER A 56 2.74 -12.66 -3.92
C SER A 56 1.53 -11.73 -3.69
N ILE A 57 1.66 -10.81 -2.71
CA ILE A 57 0.67 -9.81 -2.35
C ILE A 57 1.32 -8.45 -2.54
N GLU A 58 0.55 -7.48 -2.99
CA GLU A 58 0.99 -6.10 -3.19
C GLU A 58 -0.16 -5.14 -2.95
N VAL A 59 0.14 -4.05 -2.25
CA VAL A 59 -0.82 -3.03 -1.93
C VAL A 59 -0.20 -1.69 -2.38
N TYR A 60 -0.90 -0.95 -3.27
CA TYR A 60 -0.39 0.31 -3.81
C TYR A 60 -1.50 1.27 -4.22
N GLU A 61 -1.11 2.55 -4.42
CA GLU A 61 -1.98 3.63 -4.90
C GLU A 61 -1.45 4.01 -6.30
N ASP A 62 -2.36 4.20 -7.29
CA ASP A 62 -2.01 4.61 -8.67
C ASP A 62 -3.20 5.33 -9.33
N ALA A 63 -3.05 6.63 -9.61
CA ALA A 63 -4.08 7.48 -10.23
C ALA A 63 -5.36 7.53 -9.38
N GLY A 64 -5.17 7.84 -8.09
CA GLY A 64 -6.25 7.95 -7.09
C GLY A 64 -7.04 6.71 -6.73
N SER A 65 -6.61 5.51 -7.16
CA SER A 65 -7.25 4.24 -6.91
C SER A 65 -6.31 3.41 -6.05
N HIS A 66 -6.83 2.77 -5.01
CA HIS A 66 -6.03 1.93 -4.12
C HIS A 66 -6.23 0.50 -4.53
N TYR A 67 -5.16 -0.29 -4.50
CA TYR A 67 -5.24 -1.65 -4.96
C TYR A 67 -4.74 -2.72 -4.05
N LEU A 68 -5.27 -3.89 -4.27
CA LEU A 68 -4.90 -5.09 -3.60
C LEU A 68 -4.82 -6.08 -4.73
N CYS A 69 -3.73 -6.80 -4.86
CA CYS A 69 -3.59 -7.77 -5.94
C CYS A 69 -2.95 -9.05 -5.44
N LEU A 70 -3.53 -10.20 -5.82
CA LEU A 70 -3.01 -11.52 -5.51
C LEU A 70 -2.64 -12.02 -6.91
N LEU A 71 -1.35 -11.93 -7.29
CA LEU A 71 -0.90 -12.32 -8.64
C LEU A 71 -0.88 -13.86 -8.84
N LYS A 72 -0.89 -14.66 -7.75
CA LYS A 72 -0.94 -16.12 -7.81
C LYS A 72 -1.87 -16.58 -6.67
N ALA A 73 -3.19 -16.51 -6.94
CA ALA A 73 -4.24 -16.87 -5.98
C ALA A 73 -4.21 -18.33 -5.50
N ARG A 74 -4.07 -18.55 -4.17
CA ARG A 74 -4.06 -19.90 -3.57
C ARG A 74 -5.44 -20.11 -2.87
N THR A 75 -5.77 -21.35 -2.46
CA THR A 75 -7.07 -21.65 -1.80
C THR A 75 -7.15 -21.01 -0.39
N ARG A 76 -6.00 -20.72 0.26
CA ARG A 76 -5.92 -20.05 1.58
C ARG A 76 -6.49 -18.57 1.49
N ASP A 77 -6.48 -17.96 0.27
CA ASP A 77 -6.98 -16.61 0.03
C ASP A 77 -8.51 -16.51 -0.06
N SER A 78 -9.28 -17.62 -0.04
CA SER A 78 -10.74 -17.51 -0.07
C SER A 78 -11.22 -16.91 1.26
N GLY A 79 -12.34 -16.18 1.22
CA GLY A 79 -12.91 -15.56 2.41
C GLY A 79 -13.44 -14.16 2.16
N THR A 80 -13.90 -13.53 3.25
CA THR A 80 -14.46 -12.18 3.20
C THR A 80 -13.35 -11.18 3.41
N TYR A 81 -13.17 -10.30 2.42
CA TYR A 81 -12.18 -9.24 2.43
C TYR A 81 -12.86 -7.93 2.80
N SER A 82 -12.08 -7.01 3.38
CA SER A 82 -12.51 -5.68 3.79
C SER A 82 -11.42 -4.62 3.47
N CYS A 83 -11.86 -3.38 3.33
CA CYS A 83 -11.09 -2.19 3.01
C CYS A 83 -11.56 -1.08 3.98
N THR A 84 -10.64 -0.35 4.64
CA THR A 84 -10.95 0.74 5.57
C THR A 84 -10.17 2.01 5.23
N ALA A 85 -10.89 3.06 4.79
CA ALA A 85 -10.32 4.38 4.45
C ALA A 85 -10.40 5.14 5.79
N SER A 86 -9.27 5.65 6.35
CA SER A 86 -9.27 6.35 7.64
C SER A 86 -8.40 7.59 7.77
N ASN A 87 -8.95 8.71 8.29
CA ASN A 87 -8.21 9.96 8.54
C ASN A 87 -8.53 10.51 9.94
N ALA A 88 -8.07 11.74 10.27
CA ALA A 88 -8.30 12.39 11.58
C ALA A 88 -9.77 12.66 11.98
N GLN A 89 -10.72 12.68 11.01
CA GLN A 89 -12.16 12.94 11.23
C GLN A 89 -13.06 11.68 11.32
N GLY A 90 -12.59 10.53 10.81
CA GLY A 90 -13.37 9.28 10.84
C GLY A 90 -12.71 8.07 10.22
N GLN A 91 -13.53 7.03 10.01
CA GLN A 91 -13.14 5.73 9.42
C GLN A 91 -14.30 5.17 8.63
N LEU A 92 -14.13 4.91 7.31
CA LEU A 92 -15.19 4.30 6.49
C LEU A 92 -14.68 2.95 6.02
N SER A 93 -15.50 1.89 6.23
CA SER A 93 -15.20 0.50 5.91
C SER A 93 -16.31 -0.18 5.08
N CYS A 94 -15.94 -1.16 4.21
CA CYS A 94 -16.85 -1.94 3.33
C CYS A 94 -16.28 -3.35 3.14
N SER A 95 -17.12 -4.30 2.63
CA SER A 95 -16.67 -5.69 2.43
C SER A 95 -17.20 -6.37 1.15
N TRP A 96 -16.53 -7.46 0.81
CA TRP A 96 -16.80 -8.31 -0.35
C TRP A 96 -16.15 -9.67 -0.10
N THR A 97 -16.40 -10.65 -0.98
CA THR A 97 -15.90 -12.02 -0.87
C THR A 97 -15.03 -12.50 -2.03
N LEU A 98 -14.17 -13.51 -1.76
CA LEU A 98 -13.27 -14.16 -2.73
C LEU A 98 -13.44 -15.67 -2.58
N GLN A 99 -13.58 -16.36 -3.71
CA GLN A 99 -13.75 -17.80 -3.80
C GLN A 99 -12.70 -18.33 -4.82
N VAL A 100 -11.58 -18.91 -4.33
CA VAL A 100 -10.51 -19.46 -5.17
C VAL A 100 -10.80 -20.98 -5.38
N GLU A 101 -11.13 -21.42 -6.64
CA GLU A 101 -11.44 -22.84 -6.97
C GLU A 101 -10.19 -23.78 -7.01
N ARG A 102 -10.35 -25.13 -7.21
CA ARG A 102 -9.23 -26.10 -7.25
C ARG A 102 -8.81 -26.60 -8.69
N LEU A 103 -9.28 -27.80 -9.16
CA LEU A 103 -8.90 -28.43 -10.45
C LEU A 103 -9.90 -28.09 -11.54
N PHE B 9 -7.32 10.07 -31.10
CA PHE B 9 -7.34 9.76 -29.67
C PHE B 9 -6.44 8.52 -29.35
N PRO B 10 -5.66 8.54 -28.24
CA PRO B 10 -4.80 7.39 -27.92
C PRO B 10 -5.48 6.01 -27.82
N LYS B 11 -4.91 4.99 -28.50
CA LYS B 11 -5.44 3.60 -28.50
C LYS B 11 -4.27 2.61 -28.36
N PHE B 12 -4.50 1.44 -27.71
CA PHE B 12 -3.49 0.37 -27.54
C PHE B 12 -3.79 -0.72 -28.53
N GLU B 13 -2.97 -0.78 -29.61
CA GLU B 13 -3.14 -1.77 -30.67
C GLU B 13 -2.39 -3.08 -30.38
N SER B 14 -1.62 -3.11 -29.26
CA SER B 14 -0.90 -4.26 -28.72
C SER B 14 -0.52 -3.87 -27.26
N LYS B 15 -1.20 -4.46 -26.28
CA LYS B 15 -0.94 -4.20 -24.86
C LYS B 15 0.10 -5.24 -24.48
N PRO B 16 1.14 -4.96 -23.62
CA PRO B 16 2.06 -6.03 -23.22
C PRO B 16 1.31 -7.08 -22.40
N GLN B 17 1.78 -8.32 -22.46
CA GLN B 17 1.17 -9.46 -21.78
C GLN B 17 1.84 -9.76 -20.45
N SER B 18 1.07 -10.37 -19.52
CA SER B 18 1.59 -10.73 -18.20
C SER B 18 2.64 -11.85 -18.40
N GLN B 19 3.75 -11.79 -17.63
CA GLN B 19 4.85 -12.77 -17.74
C GLN B 19 5.31 -13.33 -16.38
N GLU B 20 5.90 -14.54 -16.42
CA GLU B 20 6.46 -15.24 -15.25
C GLU B 20 7.86 -15.70 -15.74
N VAL B 21 8.92 -15.11 -15.18
CA VAL B 21 10.32 -15.36 -15.55
C VAL B 21 11.15 -15.79 -14.33
N LYS B 22 12.37 -16.28 -14.57
CA LYS B 22 13.30 -16.66 -13.49
C LYS B 22 14.14 -15.42 -13.14
N GLU B 23 14.87 -15.46 -12.01
CA GLU B 23 15.74 -14.36 -11.57
C GLU B 23 16.89 -14.16 -12.59
N ASN B 24 17.37 -12.91 -12.72
CA ASN B 24 18.47 -12.49 -13.61
C ASN B 24 18.17 -12.59 -15.14
N GLN B 25 16.95 -13.00 -15.58
CA GLN B 25 16.61 -13.13 -17.00
C GLN B 25 16.20 -11.80 -17.59
N THR B 26 16.16 -11.76 -18.94
CA THR B 26 15.74 -10.60 -19.70
C THR B 26 14.21 -10.60 -19.73
N VAL B 27 13.63 -9.42 -19.58
CA VAL B 27 12.18 -9.21 -19.61
C VAL B 27 12.01 -8.09 -20.56
N LYS B 28 11.22 -8.30 -21.58
CA LYS B 28 10.97 -7.33 -22.62
C LYS B 28 9.47 -7.15 -22.74
N PHE B 29 8.96 -5.91 -22.49
CA PHE B 29 7.53 -5.55 -22.62
C PHE B 29 7.50 -4.66 -23.87
N ARG B 30 6.50 -4.85 -24.73
CA ARG B 30 6.34 -4.11 -25.99
C ARG B 30 4.89 -3.72 -26.19
N CYS B 31 4.64 -2.46 -26.62
CA CYS B 31 3.30 -1.95 -26.91
C CYS B 31 3.25 -1.12 -28.22
N GLU B 32 2.14 -1.26 -28.97
CA GLU B 32 1.87 -0.57 -30.24
C GLU B 32 0.79 0.44 -29.89
N VAL B 33 1.07 1.73 -30.11
CA VAL B 33 0.17 2.83 -29.75
C VAL B 33 -0.21 3.69 -30.97
N SER B 34 -1.54 3.91 -31.12
CA SER B 34 -2.15 4.73 -32.16
C SER B 34 -2.64 5.98 -31.45
N GLY B 35 -2.94 7.00 -32.21
CA GLY B 35 -3.44 8.21 -31.61
C GLY B 35 -2.63 9.37 -32.08
N ILE B 36 -3.20 10.56 -31.92
CA ILE B 36 -3.14 11.57 -32.93
C ILE B 36 -3.28 12.91 -32.26
N PRO B 37 -2.16 13.52 -31.90
CA PRO B 37 -0.99 13.57 -32.77
C PRO B 37 0.07 12.55 -32.41
N LYS B 38 0.79 12.73 -31.32
CA LYS B 38 1.85 11.80 -30.94
C LYS B 38 1.73 11.39 -29.51
N PRO B 39 1.14 10.22 -29.26
CA PRO B 39 1.00 9.79 -27.86
C PRO B 39 2.33 9.50 -27.15
N GLU B 40 2.56 10.16 -26.01
CA GLU B 40 3.75 10.01 -25.17
C GLU B 40 3.48 8.75 -24.36
N VAL B 41 4.36 7.75 -24.51
CA VAL B 41 4.23 6.48 -23.79
C VAL B 41 5.04 6.63 -22.49
N ALA B 42 4.45 6.17 -21.36
CA ALA B 42 5.04 6.18 -20.03
C ALA B 42 4.78 4.83 -19.37
N TRP B 43 5.77 4.26 -18.67
CA TRP B 43 5.67 2.95 -17.99
C TRP B 43 5.76 3.14 -16.48
N PHE B 44 5.03 2.30 -15.72
CA PHE B 44 4.94 2.32 -14.24
C PHE B 44 4.98 0.93 -13.64
N LEU B 45 5.48 0.82 -12.42
CA LEU B 45 5.50 -0.45 -11.68
C LEU B 45 4.73 -0.10 -10.40
N GLU B 46 3.41 -0.43 -10.40
CA GLU B 46 2.44 -0.23 -9.32
C GLU B 46 2.49 1.21 -8.73
N GLY B 47 2.19 2.20 -9.58
CA GLY B 47 2.18 3.62 -9.23
C GLY B 47 3.47 4.37 -9.51
N THR B 48 4.63 3.78 -9.17
CA THR B 48 5.95 4.39 -9.31
C THR B 48 6.42 4.35 -10.78
N PRO B 49 6.83 5.51 -11.40
CA PRO B 49 7.30 5.43 -12.81
C PRO B 49 8.56 4.61 -12.97
N VAL B 50 8.69 3.97 -14.15
CA VAL B 50 9.84 3.17 -14.57
C VAL B 50 10.45 3.98 -15.70
N ARG B 51 11.73 4.31 -15.59
CA ARG B 51 12.46 5.13 -16.56
C ARG B 51 13.77 4.42 -16.95
N ARG B 52 14.48 4.89 -18.01
CA ARG B 52 15.74 4.26 -18.42
C ARG B 52 16.78 4.37 -17.31
N GLN B 53 17.42 3.23 -17.01
CA GLN B 53 18.42 3.02 -15.96
C GLN B 53 19.54 2.25 -16.67
N GLU B 54 20.48 3.02 -17.29
CA GLU B 54 21.63 2.60 -18.11
C GLU B 54 21.87 1.05 -18.28
N GLY B 55 22.53 0.41 -17.32
CA GLY B 55 22.88 -0.99 -17.41
C GLY B 55 21.81 -2.02 -17.17
N SER B 56 20.71 -1.67 -16.45
CA SER B 56 19.65 -2.61 -16.09
C SER B 56 18.28 -2.40 -16.76
N ILE B 57 17.77 -1.14 -16.90
CA ILE B 57 16.46 -0.84 -17.51
C ILE B 57 16.61 0.07 -18.74
N GLU B 58 15.87 -0.19 -19.81
CA GLU B 58 15.88 0.61 -21.03
C GLU B 58 14.44 0.82 -21.49
N VAL B 59 14.11 2.05 -21.89
CA VAL B 59 12.79 2.49 -22.35
C VAL B 59 13.06 3.10 -23.74
N TYR B 60 12.48 2.58 -24.85
CA TYR B 60 12.76 3.12 -26.20
C TYR B 60 11.68 2.84 -27.23
N GLU B 61 11.81 3.47 -28.40
CA GLU B 61 10.90 3.33 -29.54
C GLU B 61 11.70 2.82 -30.78
N ASP B 62 11.11 1.90 -31.55
CA ASP B 62 11.70 1.29 -32.76
C ASP B 62 10.63 0.50 -33.51
N ALA B 63 10.66 0.54 -34.86
CA ALA B 63 9.70 -0.19 -35.73
C ALA B 63 8.22 0.07 -35.36
N GLY B 64 7.91 1.29 -34.93
CA GLY B 64 6.56 1.69 -34.53
C GLY B 64 6.05 1.11 -33.21
N SER B 65 6.91 0.45 -32.40
CA SER B 65 6.56 -0.15 -31.12
C SER B 65 7.43 0.46 -30.02
N HIS B 66 6.84 0.61 -28.81
CA HIS B 66 7.52 1.17 -27.64
C HIS B 66 7.91 0.03 -26.74
N TYR B 67 9.18 -0.03 -26.30
CA TYR B 67 9.70 -1.10 -25.45
C TYR B 67 10.04 -0.67 -24.02
N LEU B 68 10.10 -1.68 -23.14
CA LEU B 68 10.51 -1.56 -21.75
C LEU B 68 11.23 -2.88 -21.48
N CYS B 69 12.55 -2.85 -21.29
CA CYS B 69 13.29 -4.08 -21.01
C CYS B 69 14.01 -3.99 -19.66
N LEU B 70 14.13 -5.14 -18.96
CA LEU B 70 14.84 -5.33 -17.69
C LEU B 70 15.95 -6.30 -18.11
N LEU B 71 17.17 -5.84 -18.32
CA LEU B 71 18.27 -6.73 -18.77
C LEU B 71 18.49 -7.93 -17.82
N LYS B 72 18.48 -7.68 -16.50
CA LYS B 72 18.60 -8.71 -15.46
C LYS B 72 17.44 -8.43 -14.49
N ALA B 73 16.45 -9.34 -14.43
CA ALA B 73 15.29 -9.17 -13.54
C ALA B 73 15.66 -9.55 -12.08
N ARG B 74 15.04 -8.85 -11.12
CA ARG B 74 15.26 -9.02 -9.68
C ARG B 74 13.92 -9.30 -9.01
N THR B 75 13.97 -9.73 -7.75
CA THR B 75 12.76 -10.06 -6.96
C THR B 75 11.94 -8.73 -6.73
N ARG B 76 12.62 -7.56 -6.53
CA ARG B 76 11.98 -6.23 -6.36
C ARG B 76 11.19 -5.74 -7.61
N ASP B 77 11.40 -6.37 -8.80
CA ASP B 77 10.70 -6.05 -10.06
C ASP B 77 9.37 -6.81 -10.20
N SER B 78 9.05 -7.76 -9.30
CA SER B 78 7.77 -8.47 -9.39
C SER B 78 6.64 -7.49 -9.04
N GLY B 79 5.49 -7.61 -9.71
CA GLY B 79 4.33 -6.76 -9.47
C GLY B 79 3.51 -6.38 -10.69
N THR B 80 2.54 -5.46 -10.51
CA THR B 80 1.65 -4.98 -11.58
C THR B 80 2.27 -3.81 -12.32
N TYR B 81 2.62 -4.05 -13.58
CA TYR B 81 3.18 -3.03 -14.45
C TYR B 81 2.03 -2.37 -15.16
N SER B 82 2.17 -1.08 -15.42
CA SER B 82 1.16 -0.29 -16.10
C SER B 82 1.85 0.55 -17.14
N CYS B 83 1.06 0.99 -18.13
CA CYS B 83 1.55 1.82 -19.21
C CYS B 83 0.47 2.76 -19.67
N THR B 84 0.73 4.08 -19.52
CA THR B 84 -0.16 5.16 -19.95
C THR B 84 0.36 5.62 -21.32
N ALA B 85 -0.55 5.97 -22.22
CA ALA B 85 -0.27 6.50 -23.56
C ALA B 85 -1.12 7.78 -23.56
N SER B 86 -0.46 8.95 -23.41
CA SER B 86 -1.10 10.27 -23.29
C SER B 86 -0.92 11.24 -24.46
N ASN B 87 -1.98 12.01 -24.80
CA ASN B 87 -1.96 13.06 -25.86
C ASN B 87 -2.71 14.34 -25.35
N ALA B 88 -2.98 15.34 -26.24
CA ALA B 88 -3.69 16.58 -25.88
C ALA B 88 -5.20 16.36 -25.56
N GLN B 89 -5.89 15.54 -26.38
CA GLN B 89 -7.33 15.20 -26.22
C GLN B 89 -7.58 14.37 -24.93
N GLY B 90 -6.85 13.27 -24.78
CA GLY B 90 -6.98 12.40 -23.62
C GLY B 90 -5.86 11.41 -23.36
N GLN B 91 -6.11 10.48 -22.45
CA GLN B 91 -5.17 9.46 -22.02
C GLN B 91 -5.85 8.09 -21.92
N LEU B 92 -5.08 7.04 -22.23
CA LEU B 92 -5.53 5.64 -22.14
C LEU B 92 -4.43 4.87 -21.37
N SER B 93 -4.83 3.80 -20.67
CA SER B 93 -3.93 2.96 -19.87
C SER B 93 -4.31 1.47 -19.86
N CYS B 94 -3.28 0.59 -19.85
CA CYS B 94 -3.41 -0.87 -19.78
C CYS B 94 -2.46 -1.38 -18.70
N SER B 95 -2.80 -2.52 -18.08
CA SER B 95 -2.00 -3.15 -17.03
C SER B 95 -1.82 -4.65 -17.28
N TRP B 96 -0.75 -5.21 -16.70
CA TRP B 96 -0.36 -6.63 -16.78
C TRP B 96 0.57 -6.87 -15.57
N THR B 97 1.03 -8.12 -15.35
CA THR B 97 1.88 -8.44 -14.19
C THR B 97 3.16 -9.23 -14.49
N LEU B 98 4.17 -9.09 -13.61
CA LEU B 98 5.44 -9.79 -13.68
C LEU B 98 5.69 -10.53 -12.38
N GLN B 99 6.06 -11.82 -12.48
CA GLN B 99 6.35 -12.69 -11.34
C GLN B 99 7.76 -13.26 -11.55
N VAL B 100 8.75 -12.70 -10.83
CA VAL B 100 10.16 -13.12 -10.93
C VAL B 100 10.43 -14.28 -9.95
N GLU B 101 10.69 -15.50 -10.47
CA GLU B 101 10.99 -16.70 -9.66
C GLU B 101 12.44 -16.61 -9.15
N ARG B 102 12.75 -17.29 -8.04
CA ARG B 102 14.08 -17.31 -7.41
C ARG B 102 14.70 -18.71 -7.38
N PHE C 9 6.47 -12.33 12.32
CA PHE C 9 7.55 -11.40 12.62
C PHE C 9 7.04 -9.93 12.70
N PRO C 10 7.46 -9.09 13.69
CA PRO C 10 6.94 -7.71 13.78
C PRO C 10 7.33 -6.72 12.67
N LYS C 11 6.29 -6.11 12.07
CA LYS C 11 6.38 -5.09 11.02
C LYS C 11 5.38 -3.95 11.33
N PHE C 12 5.70 -2.69 10.95
CA PHE C 12 4.84 -1.51 11.14
C PHE C 12 4.08 -1.18 9.84
N GLU C 13 2.74 -1.34 9.81
CA GLU C 13 1.88 -0.98 8.67
C GLU C 13 1.43 0.50 8.71
N SER C 14 1.75 1.22 9.79
CA SER C 14 1.46 2.65 9.98
C SER C 14 2.26 3.08 11.20
N LYS C 15 3.23 4.00 11.02
CA LYS C 15 4.04 4.51 12.13
C LYS C 15 3.41 5.87 12.49
N PRO C 16 3.20 6.23 13.77
CA PRO C 16 2.65 7.57 14.08
C PRO C 16 3.51 8.70 13.49
N GLN C 17 2.89 9.72 12.90
CA GLN C 17 3.63 10.83 12.30
C GLN C 17 3.86 11.85 13.41
N SER C 18 4.89 12.70 13.27
CA SER C 18 5.21 13.73 14.27
C SER C 18 4.12 14.79 14.25
N GLN C 19 3.63 15.21 15.44
CA GLN C 19 2.59 16.23 15.55
C GLN C 19 3.09 17.47 16.25
N GLU C 20 2.39 18.59 16.02
CA GLU C 20 2.62 19.91 16.63
C GLU C 20 1.21 20.34 17.10
N VAL C 21 1.05 20.63 18.39
CA VAL C 21 -0.26 21.00 18.96
C VAL C 21 -0.12 22.24 19.87
N LYS C 22 -1.24 22.61 20.56
CA LYS C 22 -1.34 23.70 21.53
C LYS C 22 -1.61 23.08 22.91
N GLU C 23 -1.33 23.83 24.00
CA GLU C 23 -1.51 23.37 25.38
C GLU C 23 -2.98 23.04 25.66
N ASN C 24 -3.20 22.01 26.51
CA ASN C 24 -4.51 21.51 26.91
C ASN C 24 -5.33 20.92 25.73
N GLN C 25 -4.67 20.40 24.67
CA GLN C 25 -5.34 19.77 23.51
C GLN C 25 -5.14 18.26 23.49
N THR C 26 -6.05 17.55 22.87
CA THR C 26 -5.98 16.10 22.75
C THR C 26 -4.99 15.74 21.64
N VAL C 27 -4.12 14.76 21.92
CA VAL C 27 -3.12 14.23 20.98
C VAL C 27 -3.44 12.76 20.91
N LYS C 28 -3.35 12.19 19.73
CA LYS C 28 -3.65 10.79 19.47
C LYS C 28 -2.63 10.24 18.50
N PHE C 29 -1.81 9.27 18.96
CA PHE C 29 -0.81 8.59 18.14
C PHE C 29 -1.46 7.22 17.86
N ARG C 30 -1.42 6.76 16.61
CA ARG C 30 -2.00 5.50 16.16
C ARG C 30 -0.94 4.71 15.43
N CYS C 31 -0.86 3.39 15.67
CA CYS C 31 0.10 2.51 14.98
C CYS C 31 -0.54 1.18 14.61
N GLU C 32 -0.22 0.64 13.42
CA GLU C 32 -0.73 -0.63 12.89
C GLU C 32 0.47 -1.58 12.84
N VAL C 33 0.33 -2.74 13.49
CA VAL C 33 1.37 -3.75 13.61
C VAL C 33 0.89 -5.11 13.09
N SER C 34 1.83 -5.91 12.58
CA SER C 34 1.59 -7.25 12.03
C SER C 34 2.72 -8.18 12.48
N GLY C 35 2.45 -9.48 12.48
CA GLY C 35 3.40 -10.52 12.88
C GLY C 35 2.74 -11.62 13.71
N ILE C 36 3.30 -12.84 13.64
CA ILE C 36 2.84 -14.04 14.35
C ILE C 36 4.01 -14.56 15.24
N PRO C 37 3.85 -14.76 16.58
CA PRO C 37 2.64 -14.50 17.40
C PRO C 37 2.32 -13.00 17.44
N LYS C 38 1.10 -12.64 17.85
CA LYS C 38 0.69 -11.22 17.87
C LYS C 38 1.68 -10.30 18.62
N PRO C 39 2.23 -9.21 18.02
CA PRO C 39 3.25 -8.42 18.74
C PRO C 39 2.74 -7.44 19.80
N GLU C 40 3.28 -7.55 21.04
CA GLU C 40 2.95 -6.67 22.17
C GLU C 40 3.58 -5.28 21.86
N VAL C 41 2.72 -4.25 21.90
CA VAL C 41 3.07 -2.87 21.59
C VAL C 41 3.27 -2.07 22.90
N ALA C 42 4.45 -1.42 23.04
CA ALA C 42 4.81 -0.56 24.16
C ALA C 42 5.15 0.85 23.58
N TRP C 43 4.93 1.90 24.39
CA TRP C 43 5.09 3.32 24.07
C TRP C 43 6.02 3.95 25.04
N PHE C 44 6.91 4.84 24.54
CA PHE C 44 7.91 5.54 25.37
C PHE C 44 8.01 7.01 25.05
N LEU C 45 8.58 7.78 26.00
CA LEU C 45 8.86 9.21 25.85
C LEU C 45 10.26 9.34 26.38
N GLU C 46 11.26 9.41 25.46
CA GLU C 46 12.67 9.53 25.80
C GLU C 46 13.21 8.30 26.64
N GLY C 47 12.80 7.09 26.26
CA GLY C 47 13.18 5.86 26.97
C GLY C 47 12.49 5.62 28.30
N THR C 48 11.46 6.43 28.66
CA THR C 48 10.68 6.30 29.89
C THR C 48 9.31 5.80 29.40
N PRO C 49 8.79 4.62 29.88
CA PRO C 49 7.51 4.11 29.36
C PRO C 49 6.29 4.93 29.73
N VAL C 50 5.41 5.13 28.73
CA VAL C 50 4.17 5.88 28.82
C VAL C 50 3.03 4.88 28.91
N ARG C 51 2.49 4.71 30.12
CA ARG C 51 1.38 3.80 30.38
C ARG C 51 0.09 4.52 30.62
N ARG C 52 -1.03 3.74 30.61
CA ARG C 52 -2.35 4.29 30.82
C ARG C 52 -2.48 4.86 32.22
N GLN C 53 -3.19 5.99 32.31
CA GLN C 53 -3.48 6.70 33.54
C GLN C 53 -4.89 7.20 33.29
N GLU C 54 -5.85 6.64 34.03
CA GLU C 54 -7.26 6.95 33.92
C GLU C 54 -7.49 8.44 34.04
N GLY C 55 -8.16 8.98 33.02
CA GLY C 55 -8.54 10.37 32.96
C GLY C 55 -7.67 11.24 32.10
N SER C 56 -6.40 10.86 31.89
CA SER C 56 -5.42 11.65 31.16
C SER C 56 -4.66 10.92 30.05
N ILE C 57 -4.20 9.66 30.24
CA ILE C 57 -3.42 8.92 29.21
C ILE C 57 -4.10 7.60 28.91
N GLU C 58 -4.35 7.34 27.63
CA GLU C 58 -4.96 6.10 27.17
C GLU C 58 -3.95 5.34 26.34
N VAL C 59 -3.87 4.04 26.58
CA VAL C 59 -2.99 3.10 25.88
C VAL C 59 -3.96 1.95 25.63
N TYR C 60 -4.41 1.80 24.37
CA TYR C 60 -5.40 0.77 24.03
C TYR C 60 -5.32 0.33 22.61
N GLU C 61 -6.02 -0.76 22.34
CA GLU C 61 -6.16 -1.36 21.04
C GLU C 61 -7.66 -1.27 20.69
N ASP C 62 -7.96 -0.85 19.43
CA ASP C 62 -9.32 -0.70 18.89
C ASP C 62 -9.35 -0.92 17.37
N ALA C 63 -9.91 -2.05 16.95
CA ALA C 63 -10.07 -2.39 15.54
C ALA C 63 -8.79 -2.30 14.70
N GLY C 64 -7.90 -3.27 14.90
CA GLY C 64 -6.63 -3.40 14.17
C GLY C 64 -5.54 -2.35 14.34
N SER C 65 -5.73 -1.37 15.25
CA SER C 65 -4.77 -0.30 15.49
C SER C 65 -4.50 -0.20 16.98
N HIS C 66 -3.28 0.24 17.35
CA HIS C 66 -2.87 0.44 18.74
C HIS C 66 -2.75 1.95 18.92
N TYR C 67 -3.46 2.49 19.91
CA TYR C 67 -3.49 3.93 20.18
C TYR C 67 -2.84 4.36 21.45
N LEU C 68 -2.29 5.61 21.44
CA LEU C 68 -1.72 6.31 22.59
C LEU C 68 -2.47 7.63 22.54
N CYS C 69 -3.20 7.98 23.61
CA CYS C 69 -3.94 9.23 23.65
C CYS C 69 -3.66 10.01 24.93
N LEU C 70 -3.15 11.24 24.80
CA LEU C 70 -2.91 12.17 25.91
C LEU C 70 -4.16 13.02 25.75
N LEU C 71 -5.10 12.94 26.70
CA LEU C 71 -6.36 13.67 26.66
C LEU C 71 -6.16 15.20 26.73
N LYS C 72 -5.32 15.66 27.65
CA LYS C 72 -5.06 17.08 27.90
C LYS C 72 -3.55 17.22 27.90
N ALA C 73 -3.02 17.63 26.73
CA ALA C 73 -1.57 17.79 26.53
C ALA C 73 -1.01 18.92 27.37
N ARG C 74 0.06 18.61 28.11
CA ARG C 74 0.75 19.58 28.93
C ARG C 74 2.10 19.77 28.26
N THR C 75 2.70 20.94 28.50
CA THR C 75 4.01 21.32 27.94
C THR C 75 5.13 20.26 28.26
N ARG C 76 5.02 19.52 29.42
CA ARG C 76 5.97 18.46 29.79
C ARG C 76 5.76 17.14 29.01
N ASP C 77 4.79 17.11 28.06
CA ASP C 77 4.56 15.96 27.19
C ASP C 77 5.25 16.22 25.87
N SER C 78 6.07 17.32 25.73
CA SER C 78 6.79 17.56 24.50
C SER C 78 7.97 16.59 24.51
N GLY C 79 8.47 16.27 23.32
CA GLY C 79 9.61 15.38 23.20
C GLY C 79 9.50 14.30 22.17
N THR C 80 10.49 13.38 22.19
CA THR C 80 10.60 12.27 21.25
C THR C 80 9.92 11.07 21.76
N TYR C 81 8.83 10.70 21.09
CA TYR C 81 8.05 9.53 21.41
C TYR C 81 8.51 8.40 20.56
N SER C 82 8.41 7.16 21.06
CA SER C 82 8.80 5.96 20.32
C SER C 82 7.80 4.83 20.55
N CYS C 83 7.97 3.72 19.81
CA CYS C 83 7.09 2.55 19.90
C CYS C 83 7.86 1.24 19.66
N THR C 84 7.53 0.16 20.40
CA THR C 84 8.17 -1.14 20.33
C THR C 84 7.15 -2.27 20.08
N ALA C 85 7.08 -2.77 18.85
CA ALA C 85 6.19 -3.90 18.51
C ALA C 85 7.10 -5.11 18.71
N SER C 86 6.88 -5.91 19.79
CA SER C 86 7.70 -7.08 20.14
C SER C 86 6.94 -8.40 20.12
N ASN C 87 7.55 -9.47 19.57
CA ASN C 87 6.97 -10.82 19.58
C ASN C 87 8.09 -11.82 19.85
N ALA C 88 7.74 -13.11 20.02
CA ALA C 88 8.70 -14.21 20.29
C ALA C 88 9.98 -14.18 19.39
N GLN C 89 9.85 -13.79 18.10
CA GLN C 89 10.98 -13.72 17.17
C GLN C 89 11.87 -12.50 17.38
N GLY C 90 11.30 -11.30 17.24
CA GLY C 90 12.03 -10.06 17.40
C GLY C 90 11.26 -8.87 17.94
N GLN C 91 11.80 -7.68 17.71
CA GLN C 91 11.27 -6.42 18.17
C GLN C 91 11.52 -5.34 17.13
N LEU C 92 10.44 -4.63 16.69
CA LEU C 92 10.58 -3.53 15.75
C LEU C 92 10.25 -2.26 16.48
N SER C 93 11.00 -1.18 16.19
CA SER C 93 10.85 0.11 16.83
C SER C 93 10.99 1.29 15.85
N CYS C 94 10.27 2.38 16.14
CA CYS C 94 10.27 3.64 15.36
C CYS C 94 9.98 4.81 16.32
N SER C 95 10.28 6.06 15.91
CA SER C 95 10.07 7.24 16.74
C SER C 95 9.55 8.45 15.95
N TRP C 96 9.05 9.44 16.69
CA TRP C 96 8.47 10.68 16.15
C TRP C 96 8.46 11.74 17.27
N THR C 97 8.13 13.00 16.95
CA THR C 97 8.11 14.08 17.95
C THR C 97 6.72 14.65 18.27
N LEU C 98 6.66 15.37 19.42
CA LEU C 98 5.50 16.07 19.92
C LEU C 98 5.98 17.42 20.45
N GLN C 99 5.30 18.50 20.07
CA GLN C 99 5.60 19.86 20.47
C GLN C 99 4.27 20.53 20.86
N VAL C 100 4.14 20.86 22.16
CA VAL C 100 2.96 21.51 22.72
C VAL C 100 3.38 22.98 22.98
N GLU C 101 2.68 23.97 22.37
CA GLU C 101 3.02 25.39 22.59
C GLU C 101 2.37 25.91 23.87
N ARG C 102 3.16 26.56 24.75
CA ARG C 102 2.72 27.19 26.02
C ARG C 102 1.61 28.27 25.84
N LEU C 103 1.04 28.72 26.98
CA LEU C 103 0.04 29.79 27.01
C LEU C 103 0.05 30.47 28.38
#